data_5TFC
#
_entry.id   5TFC
#
_cell.length_a   40.128
_cell.length_b   40.128
_cell.length_c   141.701
_cell.angle_alpha   90.00
_cell.angle_beta   90.00
_cell.angle_gamma   90.00
#
_symmetry.space_group_name_H-M   'P 43'
#
loop_
_entity.id
_entity.type
_entity.pdbx_description
1 polymer 'Cystic fibrosis transmembrane conductance regulator'
2 non-polymer 'MAGNESIUM ION'
3 non-polymer "GUANOSINE-5'-TRIPHOSPHATE"
4 water water
#
_entity_poly.entity_id   1
_entity_poly.type   'polypeptide(L)'
_entity_poly.pdbx_seq_one_letter_code
;SLTTTEVVMENVTAFWEEGGTPVLKDINFKIERGQLLAVAGSTGAGKTSLLMMIMGELEPSEGKIKHSGRISFCSQFSWI
MPGTIKENIIFGVSYDEYRYRSVIKACQLEEDISKFAEKDNIVLGEGGITLSGGQRARISLARAVYKDADLYLLDSPFGY
LDVLTEKEIFESCVCKLMANKTRILVTSKMEHLKKADKILILHEGSSYFYGTFSELQNLQPDFSSKLMG
;
_entity_poly.pdbx_strand_id   A
#
loop_
_chem_comp.id
_chem_comp.type
_chem_comp.name
_chem_comp.formula
GTP non-polymer GUANOSINE-5'-TRIPHOSPHATE 'C10 H16 N5 O14 P3'
MG non-polymer 'MAGNESIUM ION' 'Mg 2'
#
# COMPACT_ATOMS: atom_id res chain seq x y z
N THR A 4 14.07 3.62 15.78
CA THR A 4 15.16 2.96 15.05
C THR A 4 14.61 2.19 13.84
N THR A 5 14.69 0.86 13.88
CA THR A 5 14.11 0.04 12.81
C THR A 5 12.63 -0.11 13.07
N GLU A 6 11.82 0.07 12.03
CA GLU A 6 10.38 -0.01 12.18
C GLU A 6 9.84 -1.39 11.81
N VAL A 7 10.36 -1.99 10.75
CA VAL A 7 9.95 -3.32 10.33
C VAL A 7 11.20 -4.12 9.97
N VAL A 8 11.29 -5.34 10.49
CA VAL A 8 12.36 -6.27 10.13
C VAL A 8 11.75 -7.62 9.80
N MET A 9 12.23 -8.26 8.74
CA MET A 9 12.09 -9.70 8.57
C MET A 9 13.48 -10.30 8.50
N GLU A 10 13.70 -11.39 9.23
CA GLU A 10 14.99 -12.05 9.28
C GLU A 10 14.78 -13.55 9.04
N ASN A 11 15.33 -14.06 7.92
CA ASN A 11 15.24 -15.50 7.58
C ASN A 11 13.80 -16.03 7.67
N VAL A 12 12.83 -15.25 7.18
CA VAL A 12 11.44 -15.63 7.39
C VAL A 12 11.01 -16.65 6.33
N THR A 13 10.50 -17.79 6.80
CA THR A 13 9.81 -18.75 5.97
C THR A 13 8.42 -18.99 6.55
N ALA A 14 7.40 -19.12 5.68
CA ALA A 14 6.03 -19.27 6.14
C ALA A 14 5.23 -20.13 5.18
N PHE A 15 4.16 -20.73 5.72
CA PHE A 15 3.25 -21.60 4.98
C PHE A 15 1.82 -21.18 5.26
N TRP A 16 1.00 -21.09 4.20
CA TRP A 16 -0.43 -20.91 4.41
C TRP A 16 -1.08 -22.21 4.90
N GLU A 17 -0.57 -23.35 4.48
CA GLU A 17 -1.14 -24.65 4.80
C GLU A 17 -0.06 -25.58 5.33
N GLU A 18 -0.34 -26.24 6.46
CA GLU A 18 0.54 -27.26 7.00
C GLU A 18 1.00 -28.23 5.92
N GLY A 19 2.31 -28.38 5.79
CA GLY A 19 2.87 -29.33 4.86
C GLY A 19 2.62 -28.98 3.41
N GLY A 20 2.13 -27.77 3.16
CA GLY A 20 2.06 -27.24 1.82
C GLY A 20 3.42 -26.75 1.36
N THR A 21 3.42 -26.08 0.20
CA THR A 21 4.67 -25.45 -0.23
C THR A 21 4.81 -24.09 0.46
N PRO A 22 6.03 -23.67 0.81
CA PRO A 22 6.17 -22.40 1.54
C PRO A 22 5.77 -21.23 0.66
N VAL A 23 5.05 -20.27 1.26
CA VAL A 23 4.61 -19.09 0.51
C VAL A 23 5.68 -18.01 0.52
N LEU A 24 6.49 -17.96 1.58
CA LEU A 24 7.67 -17.11 1.66
C LEU A 24 8.84 -17.96 2.13
N LYS A 25 10.01 -17.76 1.52
CA LYS A 25 11.19 -18.58 1.81
C LYS A 25 12.38 -17.68 2.11
N ASP A 26 12.90 -17.76 3.33
CA ASP A 26 14.10 -17.06 3.78
C ASP A 26 14.11 -15.60 3.31
N ILE A 27 13.10 -14.85 3.76
CA ILE A 27 12.94 -13.44 3.40
C ILE A 27 13.66 -12.56 4.41
N ASN A 28 14.43 -11.58 3.91
CA ASN A 28 15.18 -10.67 4.76
C ASN A 28 14.98 -9.24 4.28
N PHE A 29 14.62 -8.33 5.20
CA PHE A 29 14.66 -6.90 4.90
C PHE A 29 14.59 -6.09 6.19
N LYS A 30 14.94 -4.81 6.09
CA LYS A 30 14.74 -3.87 7.18
C LYS A 30 14.32 -2.51 6.64
N ILE A 31 13.35 -1.90 7.33
CA ILE A 31 12.85 -0.56 7.01
C ILE A 31 13.07 0.31 8.24
N GLU A 32 13.78 1.41 8.08
CA GLU A 32 13.88 2.38 9.16
C GLU A 32 12.62 3.25 9.20
N ARG A 33 12.40 3.91 10.34
CA ARG A 33 11.22 4.77 10.49
C ARG A 33 11.22 5.84 9.41
N GLY A 34 10.07 6.00 8.75
CA GLY A 34 9.95 6.96 7.67
C GLY A 34 10.42 6.49 6.31
N GLN A 35 10.91 5.26 6.17
CA GLN A 35 11.39 4.85 4.86
C GLN A 35 10.28 4.19 4.04
N LEU A 36 10.59 3.99 2.76
CA LEU A 36 9.70 3.35 1.80
C LEU A 36 10.37 2.08 1.28
N LEU A 37 9.71 0.94 1.49
CA LEU A 37 10.07 -0.33 0.88
C LEU A 37 9.14 -0.62 -0.29
N ALA A 38 9.71 -0.88 -1.46
CA ALA A 38 8.93 -1.36 -2.60
C ALA A 38 9.03 -2.87 -2.66
N VAL A 39 7.88 -3.54 -2.83
CA VAL A 39 7.82 -5.00 -2.91
C VAL A 39 7.26 -5.35 -4.29
N ALA A 40 8.06 -6.04 -5.10
CA ALA A 40 7.74 -6.35 -6.48
C ALA A 40 7.78 -7.85 -6.69
N GLY A 41 7.32 -8.30 -7.85
CA GLY A 41 7.32 -9.71 -8.19
C GLY A 41 6.04 -10.10 -8.92
N SER A 42 6.10 -11.25 -9.58
CA SER A 42 5.02 -11.72 -10.44
C SER A 42 3.84 -12.22 -9.62
N THR A 43 2.73 -12.51 -10.30
CA THR A 43 1.55 -12.99 -9.59
C THR A 43 1.88 -14.27 -8.84
N GLY A 44 1.39 -14.37 -7.61
CA GLY A 44 1.68 -15.51 -6.75
C GLY A 44 3.03 -15.49 -6.08
N ALA A 45 3.83 -14.43 -6.27
CA ALA A 45 5.17 -14.42 -5.69
C ALA A 45 5.18 -14.36 -4.18
N GLY A 46 4.11 -13.85 -3.54
CA GLY A 46 4.05 -13.79 -2.10
C GLY A 46 3.94 -12.38 -1.53
N LYS A 47 3.64 -11.39 -2.38
CA LYS A 47 3.68 -10.01 -1.94
C LYS A 47 2.58 -9.71 -0.92
N THR A 48 1.33 -10.02 -1.27
CA THR A 48 0.24 -9.82 -0.32
C THR A 48 0.45 -10.66 0.94
N SER A 49 0.95 -11.90 0.77
CA SER A 49 1.19 -12.75 1.93
C SER A 49 2.20 -12.12 2.88
N LEU A 50 3.21 -11.44 2.34
CA LEU A 50 4.17 -10.74 3.18
C LEU A 50 3.49 -9.67 4.01
N LEU A 51 2.61 -8.87 3.38
CA LEU A 51 1.79 -7.91 4.12
C LEU A 51 0.95 -8.59 5.19
N MET A 52 0.36 -9.75 4.85
CA MET A 52 -0.48 -10.44 5.83
CA MET A 52 -0.48 -10.45 5.83
C MET A 52 0.33 -10.86 7.05
N MET A 53 1.59 -11.26 6.84
CA MET A 53 2.46 -11.61 7.96
CA MET A 53 2.44 -11.61 7.97
C MET A 53 2.69 -10.42 8.88
N ILE A 54 2.96 -9.25 8.30
CA ILE A 54 3.13 -8.04 9.10
C ILE A 54 1.87 -7.73 9.88
N MET A 55 0.70 -8.05 9.33
CA MET A 55 -0.56 -7.79 10.00
C MET A 55 -0.97 -8.93 10.93
N GLY A 56 -0.11 -9.92 11.12
CA GLY A 56 -0.36 -10.99 12.07
C GLY A 56 -1.31 -12.05 11.60
N GLU A 57 -1.66 -12.09 10.32
CA GLU A 57 -2.56 -13.12 9.81
C GLU A 57 -1.83 -14.36 9.38
N LEU A 58 -0.50 -14.34 9.38
CA LEU A 58 0.32 -15.46 8.93
C LEU A 58 1.58 -15.45 9.78
N GLU A 59 1.84 -16.56 10.46
CA GLU A 59 2.97 -16.62 11.36
C GLU A 59 4.15 -17.31 10.69
N PRO A 60 5.37 -16.91 11.02
CA PRO A 60 6.54 -17.54 10.41
C PRO A 60 6.76 -18.93 10.97
N SER A 61 7.22 -19.84 10.11
CA SER A 61 7.69 -21.13 10.56
CA SER A 61 7.69 -21.14 10.57
C SER A 61 9.17 -21.13 10.91
N GLU A 62 9.92 -20.19 10.34
CA GLU A 62 11.32 -19.95 10.64
C GLU A 62 11.50 -18.43 10.60
N GLY A 63 12.49 -17.95 11.34
CA GLY A 63 12.82 -16.53 11.29
C GLY A 63 12.08 -15.69 12.32
N LYS A 64 12.39 -14.39 12.26
CA LYS A 64 11.91 -13.39 13.21
C LYS A 64 11.29 -12.21 12.46
N ILE A 65 10.28 -11.58 13.07
CA ILE A 65 9.64 -10.39 12.53
C ILE A 65 9.56 -9.33 13.62
N LYS A 66 9.86 -8.09 13.26
CA LYS A 66 9.70 -6.95 14.15
C LYS A 66 8.78 -5.94 13.48
N HIS A 67 7.76 -5.49 14.21
CA HIS A 67 6.98 -4.33 13.78
C HIS A 67 6.13 -3.89 14.95
N SER A 68 6.03 -2.58 15.15
CA SER A 68 5.28 -2.02 16.26
C SER A 68 4.34 -0.94 15.75
N GLY A 69 3.21 -0.81 16.43
CA GLY A 69 2.31 0.31 16.19
C GLY A 69 1.14 -0.04 15.30
N ARG A 70 0.36 0.99 15.02
CA ARG A 70 -0.84 0.77 14.24
C ARG A 70 -0.52 0.74 12.75
N ILE A 71 -1.29 -0.09 12.07
CA ILE A 71 -1.15 -0.30 10.64
C ILE A 71 -2.36 0.29 9.94
N SER A 72 -2.13 0.91 8.78
CA SER A 72 -3.19 1.16 7.81
C SER A 72 -2.92 0.35 6.56
N PHE A 73 -3.91 -0.42 6.12
CA PHE A 73 -3.78 -1.37 5.02
C PHE A 73 -4.68 -0.96 3.86
N CYS A 74 -4.10 -0.90 2.66
CA CYS A 74 -4.87 -0.65 1.43
C CYS A 74 -4.84 -1.93 0.60
N SER A 75 -6.00 -2.57 0.47
CA SER A 75 -6.10 -3.81 -0.27
C SER A 75 -5.87 -3.59 -1.76
N GLN A 76 -5.36 -4.63 -2.44
CA GLN A 76 -5.23 -4.58 -3.89
C GLN A 76 -6.57 -4.67 -4.59
N PHE A 77 -7.64 -5.00 -3.87
CA PHE A 77 -9.00 -4.99 -4.40
C PHE A 77 -9.72 -3.80 -3.78
N SER A 78 -10.02 -2.79 -4.59
CA SER A 78 -10.68 -1.61 -4.08
CA SER A 78 -10.69 -1.60 -4.10
C SER A 78 -12.10 -1.93 -3.64
N TRP A 79 -12.58 -1.19 -2.65
CA TRP A 79 -13.92 -1.46 -2.13
C TRP A 79 -14.53 -0.17 -1.63
N ILE A 80 -15.85 -0.15 -1.61
CA ILE A 80 -16.69 0.97 -1.20
C ILE A 80 -17.76 0.42 -0.28
N MET A 81 -18.12 1.17 0.76
CA MET A 81 -19.28 0.86 1.56
C MET A 81 -20.35 1.92 1.33
N PRO A 82 -21.62 1.58 1.52
CA PRO A 82 -22.67 2.59 1.33
C PRO A 82 -22.46 3.79 2.23
N GLY A 83 -22.44 4.96 1.62
CA GLY A 83 -22.19 6.19 2.34
C GLY A 83 -21.62 7.22 1.38
N THR A 84 -21.42 8.42 1.90
CA THR A 84 -20.88 9.46 1.03
C THR A 84 -19.42 9.17 0.72
N ILE A 85 -18.88 9.91 -0.26
CA ILE A 85 -17.46 9.76 -0.55
C ILE A 85 -16.63 10.23 0.65
N LYS A 86 -17.11 11.27 1.35
CA LYS A 86 -16.39 11.71 2.54
C LYS A 86 -16.40 10.61 3.61
N GLU A 87 -17.57 10.00 3.87
CA GLU A 87 -17.65 8.93 4.87
C GLU A 87 -16.78 7.75 4.47
N ASN A 88 -16.69 7.44 3.18
CA ASN A 88 -15.87 6.32 2.74
C ASN A 88 -14.40 6.57 2.98
N ILE A 89 -13.96 7.82 2.88
CA ILE A 89 -12.54 8.10 3.04
C ILE A 89 -12.18 8.22 4.52
N ILE A 90 -13.02 8.92 5.27
CA ILE A 90 -12.81 9.06 6.72
CA ILE A 90 -12.81 9.06 6.72
CA ILE A 90 -12.67 9.02 6.69
C ILE A 90 -12.98 7.72 7.42
N PHE A 91 -14.00 6.97 7.01
CA PHE A 91 -14.31 5.62 7.48
C PHE A 91 -14.13 5.48 8.99
N GLY A 92 -14.95 6.24 9.72
CA GLY A 92 -14.99 6.11 11.17
C GLY A 92 -13.87 6.77 11.94
N VAL A 93 -12.86 7.33 11.25
CA VAL A 93 -11.82 8.12 11.90
C VAL A 93 -12.36 9.52 12.16
N SER A 94 -11.78 10.23 13.15
CA SER A 94 -12.24 11.58 13.41
C SER A 94 -11.96 12.47 12.19
N TYR A 95 -12.82 13.46 11.98
CA TYR A 95 -12.76 14.30 10.79
C TYR A 95 -11.93 15.55 11.03
N ASP A 96 -11.09 15.89 10.06
CA ASP A 96 -10.41 17.17 10.05
C ASP A 96 -10.39 17.70 8.61
N GLU A 97 -10.89 18.93 8.42
CA GLU A 97 -11.04 19.46 7.07
C GLU A 97 -9.70 19.53 6.35
N TYR A 98 -8.68 20.10 7.00
CA TYR A 98 -7.38 20.25 6.35
C TYR A 98 -6.81 18.89 5.95
N ARG A 99 -6.84 17.92 6.87
CA ARG A 99 -6.28 16.60 6.60
C ARG A 99 -7.03 15.91 5.46
N TYR A 100 -8.36 15.92 5.54
CA TYR A 100 -9.20 15.34 4.49
C TYR A 100 -8.90 15.97 3.13
N ARG A 101 -8.90 17.31 3.08
CA ARG A 101 -8.65 18.00 1.81
C ARG A 101 -7.26 17.66 1.27
N SER A 102 -6.26 17.56 2.13
CA SER A 102 -4.92 17.25 1.65
CA SER A 102 -4.91 17.24 1.65
C SER A 102 -4.86 15.86 1.03
N VAL A 103 -5.57 14.90 1.62
CA VAL A 103 -5.60 13.54 1.08
C VAL A 103 -6.30 13.52 -0.26
N ILE A 104 -7.49 14.13 -0.31
CA ILE A 104 -8.29 14.25 -1.53
C ILE A 104 -7.45 14.82 -2.67
N LYS A 105 -6.76 15.93 -2.40
CA LYS A 105 -5.94 16.55 -3.42
C LYS A 105 -4.81 15.63 -3.86
N ALA A 106 -4.14 14.98 -2.90
CA ALA A 106 -3.02 14.10 -3.26
C ALA A 106 -3.47 12.90 -4.07
N CYS A 107 -4.75 12.51 -3.96
CA CYS A 107 -5.28 11.37 -4.71
C CYS A 107 -6.08 11.79 -5.94
N GLN A 108 -6.00 13.07 -6.32
CA GLN A 108 -6.67 13.63 -7.50
C GLN A 108 -8.18 13.47 -7.45
N LEU A 109 -8.77 13.30 -6.26
CA LEU A 109 -10.21 13.18 -6.11
C LEU A 109 -10.93 14.51 -6.05
N GLU A 110 -10.20 15.61 -5.86
CA GLU A 110 -10.82 16.93 -5.89
C GLU A 110 -11.54 17.17 -7.21
N GLU A 111 -10.91 16.77 -8.32
CA GLU A 111 -11.52 16.98 -9.62
C GLU A 111 -12.79 16.16 -9.78
N ASP A 112 -12.77 14.88 -9.38
CA ASP A 112 -13.98 14.07 -9.44
C ASP A 112 -15.09 14.68 -8.59
N ILE A 113 -14.76 15.04 -7.35
CA ILE A 113 -15.79 15.50 -6.41
C ILE A 113 -16.40 16.82 -6.87
N SER A 114 -15.56 17.73 -7.39
CA SER A 114 -16.04 19.04 -7.82
C SER A 114 -17.12 18.96 -8.88
N LYS A 115 -17.21 17.85 -9.62
CA LYS A 115 -18.18 17.75 -10.70
C LYS A 115 -19.59 17.40 -10.24
N PHE A 116 -19.79 17.04 -8.98
CA PHE A 116 -21.10 16.65 -8.48
C PHE A 116 -21.76 17.79 -7.71
N ALA A 117 -23.07 17.97 -7.92
CA ALA A 117 -23.81 18.97 -7.19
C ALA A 117 -23.69 18.76 -5.68
N GLU A 118 -23.66 17.50 -5.24
CA GLU A 118 -23.56 17.20 -3.83
C GLU A 118 -22.13 17.20 -3.31
N LYS A 119 -21.13 17.40 -4.18
CA LYS A 119 -19.71 17.53 -3.79
C LYS A 119 -19.36 16.33 -2.91
N ASP A 120 -18.73 16.51 -1.75
CA ASP A 120 -18.28 15.41 -0.90
C ASP A 120 -19.42 14.60 -0.29
N ASN A 121 -20.67 15.05 -0.42
CA ASN A 121 -21.81 14.30 0.08
C ASN A 121 -22.45 13.42 -0.98
N ILE A 122 -21.82 13.26 -2.16
CA ILE A 122 -22.30 12.30 -3.14
C ILE A 122 -22.31 10.91 -2.52
N VAL A 123 -23.40 10.17 -2.74
CA VAL A 123 -23.61 8.88 -2.09
C VAL A 123 -23.09 7.76 -3.00
N LEU A 124 -22.24 6.92 -2.44
CA LEU A 124 -21.64 5.78 -3.12
C LEU A 124 -22.22 4.49 -2.58
N GLY A 125 -22.11 3.42 -3.37
CA GLY A 125 -22.42 2.10 -2.89
C GLY A 125 -23.88 1.87 -2.56
N GLU A 126 -24.79 2.72 -3.08
CA GLU A 126 -26.21 2.57 -2.81
C GLU A 126 -27.04 2.53 -4.09
N GLY A 127 -26.42 2.20 -5.23
CA GLY A 127 -27.15 2.05 -6.47
C GLY A 127 -27.19 3.30 -7.33
N GLY A 128 -26.95 4.48 -6.77
CA GLY A 128 -26.97 5.70 -7.55
C GLY A 128 -25.78 5.86 -8.46
N ILE A 129 -24.63 6.25 -7.92
CA ILE A 129 -23.41 6.42 -8.69
C ILE A 129 -22.71 5.07 -8.82
N THR A 130 -22.28 4.75 -10.04
CA THR A 130 -21.43 3.59 -10.30
C THR A 130 -20.05 4.13 -10.65
N LEU A 131 -19.09 3.96 -9.75
CA LEU A 131 -17.76 4.50 -9.92
C LEU A 131 -16.94 3.65 -10.89
N SER A 132 -15.98 4.30 -11.55
CA SER A 132 -15.02 3.58 -12.38
C SER A 132 -14.05 2.80 -11.51
N GLY A 133 -13.31 1.87 -12.13
CA GLY A 133 -12.29 1.16 -11.38
C GLY A 133 -11.24 2.08 -10.80
N GLY A 134 -10.83 3.10 -11.56
CA GLY A 134 -9.80 4.02 -11.09
C GLY A 134 -10.31 4.94 -9.99
N GLN A 135 -11.58 5.32 -10.06
CA GLN A 135 -12.17 6.09 -8.98
C GLN A 135 -12.21 5.28 -7.69
N ARG A 136 -12.67 4.03 -7.76
CA ARG A 136 -12.72 3.21 -6.56
C ARG A 136 -11.32 3.00 -5.98
N ALA A 137 -10.31 2.82 -6.84
CA ALA A 137 -8.95 2.65 -6.35
C ALA A 137 -8.44 3.90 -5.65
N ARG A 138 -8.71 5.07 -6.21
CA ARG A 138 -8.22 6.27 -5.55
C ARG A 138 -8.96 6.53 -4.24
N ILE A 139 -10.25 6.19 -4.17
CA ILE A 139 -10.97 6.31 -2.91
C ILE A 139 -10.41 5.34 -1.87
N SER A 140 -10.16 4.10 -2.27
CA SER A 140 -9.59 3.13 -1.34
C SER A 140 -8.21 3.55 -0.87
N LEU A 141 -7.39 4.09 -1.77
CA LEU A 141 -6.08 4.60 -1.36
C LEU A 141 -6.24 5.77 -0.39
N ALA A 142 -7.13 6.71 -0.71
CA ALA A 142 -7.37 7.85 0.17
C ALA A 142 -7.83 7.41 1.56
N ARG A 143 -8.73 6.43 1.63
CA ARG A 143 -9.16 5.90 2.93
C ARG A 143 -7.97 5.40 3.75
N ALA A 144 -7.05 4.67 3.12
CA ALA A 144 -5.92 4.11 3.86
C ALA A 144 -4.95 5.19 4.30
N VAL A 145 -4.81 6.24 3.50
CA VAL A 145 -3.85 7.31 3.78
C VAL A 145 -4.41 8.28 4.81
N TYR A 146 -5.73 8.42 4.86
CA TYR A 146 -6.34 9.33 5.83
C TYR A 146 -6.15 8.82 7.25
N LYS A 147 -6.24 7.51 7.45
CA LYS A 147 -6.03 6.93 8.77
C LYS A 147 -4.64 7.26 9.29
N ASP A 148 -4.58 7.65 10.56
CA ASP A 148 -3.27 7.87 11.18
C ASP A 148 -2.69 6.53 11.61
N ALA A 149 -1.47 6.24 11.18
CA ALA A 149 -0.86 4.96 11.51
C ALA A 149 0.64 5.12 11.59
N ASP A 150 1.28 4.13 12.21
CA ASP A 150 2.74 4.09 12.19
C ASP A 150 3.25 3.42 10.93
N LEU A 151 2.46 2.54 10.33
CA LEU A 151 2.93 1.78 9.17
C LEU A 151 1.82 1.67 8.14
N TYR A 152 2.13 2.07 6.90
CA TYR A 152 1.19 1.99 5.79
C TYR A 152 1.57 0.84 4.85
N LEU A 153 0.64 -0.10 4.67
CA LEU A 153 0.82 -1.24 3.78
C LEU A 153 -0.09 -1.00 2.57
N LEU A 154 0.50 -0.60 1.44
CA LEU A 154 -0.25 -0.22 0.24
C LEU A 154 -0.05 -1.31 -0.79
N ASP A 155 -1.03 -2.19 -0.93
CA ASP A 155 -0.93 -3.39 -1.77
C ASP A 155 -1.43 -3.05 -3.17
N SER A 156 -0.50 -2.75 -4.08
CA SER A 156 -0.82 -2.47 -5.47
CA SER A 156 -0.83 -2.46 -5.46
C SER A 156 -2.02 -1.52 -5.58
N PRO A 157 -1.93 -0.31 -5.01
CA PRO A 157 -3.11 0.56 -4.87
C PRO A 157 -3.49 1.33 -6.12
N PHE A 158 -2.75 1.22 -7.22
CA PHE A 158 -2.96 2.06 -8.39
C PHE A 158 -3.73 1.33 -9.48
N GLY A 159 -4.66 0.46 -9.09
CA GLY A 159 -5.39 -0.32 -10.08
C GLY A 159 -6.26 0.56 -10.97
N TYR A 160 -6.27 0.24 -12.27
CA TYR A 160 -7.07 0.89 -13.29
C TYR A 160 -6.61 2.30 -13.63
N LEU A 161 -5.48 2.76 -13.10
CA LEU A 161 -4.99 4.09 -13.43
C LEU A 161 -4.04 4.00 -14.62
N ASP A 162 -4.13 4.99 -15.50
CA ASP A 162 -3.13 5.10 -16.55
C ASP A 162 -1.78 5.43 -15.96
N VAL A 163 -0.71 5.21 -16.74
CA VAL A 163 0.62 5.26 -16.17
C VAL A 163 0.99 6.67 -15.70
N LEU A 164 0.47 7.72 -16.34
CA LEU A 164 0.82 9.07 -15.90
C LEU A 164 0.07 9.43 -14.62
N THR A 165 -1.21 9.06 -14.51
CA THR A 165 -1.94 9.32 -13.27
C THR A 165 -1.30 8.57 -12.11
N GLU A 166 -0.93 7.31 -12.33
CA GLU A 166 -0.21 6.53 -11.32
C GLU A 166 1.07 7.23 -10.88
N LYS A 167 1.87 7.68 -11.85
CA LYS A 167 3.10 8.40 -11.53
C LYS A 167 2.80 9.65 -10.70
N GLU A 168 1.80 10.43 -11.11
CA GLU A 168 1.50 11.65 -10.38
C GLU A 168 1.07 11.37 -8.95
N ILE A 169 0.24 10.36 -8.75
CA ILE A 169 -0.29 10.08 -7.42
C ILE A 169 0.77 9.41 -6.54
N PHE A 170 1.58 8.52 -7.12
CA PHE A 170 2.74 8.02 -6.39
C PHE A 170 3.59 9.18 -5.84
N GLU A 171 3.80 10.21 -6.65
CA GLU A 171 4.64 11.33 -6.22
C GLU A 171 3.90 12.22 -5.23
N SER A 172 2.66 12.60 -5.53
CA SER A 172 1.97 13.52 -4.64
C SER A 172 1.54 12.85 -3.33
N CYS A 173 1.08 11.60 -3.40
CA CYS A 173 0.56 10.93 -2.21
C CYS A 173 1.66 10.12 -1.50
N VAL A 174 2.28 9.16 -2.20
CA VAL A 174 3.20 8.28 -1.51
C VAL A 174 4.51 8.99 -1.14
N CYS A 175 5.01 9.85 -2.03
CA CYS A 175 6.30 10.49 -1.79
C CYS A 175 6.19 11.80 -1.01
N LYS A 176 5.23 12.66 -1.34
CA LYS A 176 5.19 13.98 -0.71
C LYS A 176 4.29 13.98 0.52
N LEU A 177 3.01 13.67 0.35
CA LEU A 177 2.07 13.73 1.48
C LEU A 177 2.50 12.78 2.59
N MET A 178 3.02 11.60 2.24
CA MET A 178 3.40 10.58 3.21
C MET A 178 4.91 10.58 3.50
N ALA A 179 5.61 11.69 3.24
CA ALA A 179 7.07 11.68 3.26
C ALA A 179 7.65 11.27 4.61
N ASN A 180 6.96 11.55 5.71
CA ASN A 180 7.57 11.23 7.01
C ASN A 180 7.18 9.85 7.54
N LYS A 181 6.42 9.08 6.77
CA LYS A 181 5.72 7.90 7.26
C LYS A 181 6.41 6.63 6.76
N THR A 182 6.38 5.59 7.58
CA THR A 182 6.93 4.31 7.16
C THR A 182 5.94 3.61 6.23
N ARG A 183 6.41 3.23 5.05
CA ARG A 183 5.56 2.78 3.96
C ARG A 183 6.12 1.51 3.34
N ILE A 184 5.24 0.53 3.12
CA ILE A 184 5.55 -0.62 2.27
C ILE A 184 4.56 -0.58 1.12
N LEU A 185 5.08 -0.46 -0.09
CA LEU A 185 4.27 -0.33 -1.30
C LEU A 185 4.51 -1.53 -2.18
N VAL A 186 3.47 -2.33 -2.43
CA VAL A 186 3.58 -3.41 -3.40
C VAL A 186 3.36 -2.82 -4.79
N THR A 187 4.38 -2.89 -5.63
CA THR A 187 4.42 -2.20 -6.91
C THR A 187 5.54 -2.78 -7.74
N SER A 188 5.37 -2.76 -9.06
CA SER A 188 6.40 -3.24 -9.97
C SER A 188 7.02 -2.13 -10.84
N LYS A 189 6.56 -0.89 -10.68
CA LYS A 189 6.91 0.19 -11.60
C LYS A 189 8.30 0.74 -11.31
N MET A 190 9.04 1.04 -12.38
CA MET A 190 10.46 1.36 -12.25
C MET A 190 10.70 2.59 -11.40
N GLU A 191 9.93 3.67 -11.60
CA GLU A 191 10.17 4.87 -10.80
C GLU A 191 9.92 4.61 -9.32
N HIS A 192 8.92 3.79 -9.00
CA HIS A 192 8.63 3.51 -7.60
C HIS A 192 9.79 2.77 -6.95
N LEU A 193 10.37 1.79 -7.66
CA LEU A 193 11.53 1.09 -7.13
C LEU A 193 12.71 2.04 -7.01
N LYS A 194 12.84 2.96 -7.95
CA LYS A 194 13.97 3.88 -7.96
C LYS A 194 13.90 4.87 -6.80
N LYS A 195 12.68 5.34 -6.45
CA LYS A 195 12.49 6.28 -5.36
C LYS A 195 12.43 5.60 -3.99
N ALA A 196 12.26 4.29 -3.94
CA ALA A 196 12.19 3.59 -2.67
C ALA A 196 13.56 3.58 -2.00
N ASP A 197 13.54 3.56 -0.66
CA ASP A 197 14.78 3.40 0.10
C ASP A 197 15.34 1.98 -0.05
N LYS A 198 14.46 0.99 -0.11
CA LYS A 198 14.86 -0.39 -0.37
C LYS A 198 13.87 -1.03 -1.31
N ILE A 199 14.32 -2.07 -2.01
CA ILE A 199 13.51 -2.85 -2.94
C ILE A 199 13.61 -4.32 -2.56
N LEU A 200 12.47 -5.01 -2.55
CA LEU A 200 12.42 -6.44 -2.35
C LEU A 200 11.65 -7.03 -3.52
N ILE A 201 12.33 -7.82 -4.36
CA ILE A 201 11.67 -8.49 -5.47
C ILE A 201 11.51 -9.95 -5.07
N LEU A 202 10.26 -10.41 -5.04
CA LEU A 202 9.93 -11.78 -4.72
C LEU A 202 9.71 -12.57 -5.99
N HIS A 203 10.07 -13.84 -5.96
CA HIS A 203 9.72 -14.77 -7.04
C HIS A 203 9.44 -16.13 -6.41
N GLU A 204 8.18 -16.56 -6.49
CA GLU A 204 7.76 -17.86 -5.98
C GLU A 204 8.17 -18.04 -4.52
N GLY A 205 7.93 -17.00 -3.71
CA GLY A 205 8.24 -17.03 -2.30
C GLY A 205 9.65 -16.60 -1.93
N SER A 206 10.62 -16.69 -2.84
CA SER A 206 12.00 -16.40 -2.52
C SER A 206 12.38 -14.95 -2.85
N SER A 207 13.46 -14.49 -2.22
CA SER A 207 14.04 -13.17 -2.47
C SER A 207 14.86 -13.21 -3.77
N TYR A 208 14.25 -12.73 -4.85
CA TYR A 208 14.92 -12.57 -6.13
C TYR A 208 15.99 -11.48 -6.05
N PHE A 209 15.70 -10.38 -5.36
CA PHE A 209 16.65 -9.30 -5.18
C PHE A 209 16.25 -8.51 -3.94
N TYR A 210 17.24 -8.13 -3.14
CA TYR A 210 17.01 -7.18 -2.06
C TYR A 210 18.18 -6.22 -1.98
N GLY A 211 17.88 -4.93 -1.95
CA GLY A 211 18.89 -3.88 -2.00
C GLY A 211 18.27 -2.59 -2.51
N THR A 212 19.09 -1.77 -3.15
CA THR A 212 18.63 -0.52 -3.71
C THR A 212 18.61 -0.59 -5.23
N PHE A 213 17.84 0.32 -5.83
CA PHE A 213 17.82 0.46 -7.29
C PHE A 213 19.22 0.76 -7.82
N SER A 214 19.96 1.63 -7.13
CA SER A 214 21.34 1.92 -7.51
C SER A 214 22.22 0.66 -7.49
N GLU A 215 22.08 -0.18 -6.45
CA GLU A 215 22.86 -1.41 -6.42
C GLU A 215 22.52 -2.32 -7.59
N LEU A 216 21.23 -2.41 -7.92
CA LEU A 216 20.81 -3.22 -9.06
C LEU A 216 21.38 -2.68 -10.37
N GLN A 217 21.36 -1.35 -10.54
CA GLN A 217 21.94 -0.78 -11.77
C GLN A 217 23.42 -1.12 -11.88
N ASN A 218 24.14 -1.13 -10.75
CA ASN A 218 25.56 -1.43 -10.75
C ASN A 218 25.85 -2.87 -11.13
N LEU A 219 24.87 -3.77 -11.04
CA LEU A 219 25.05 -5.13 -11.50
C LEU A 219 24.89 -5.28 -13.01
N GLN A 220 24.48 -4.22 -13.71
CA GLN A 220 24.16 -4.34 -15.13
C GLN A 220 25.43 -4.31 -15.98
N PRO A 221 25.50 -5.13 -17.05
CA PRO A 221 26.72 -5.17 -17.87
C PRO A 221 26.89 -3.94 -18.74
MG MG B . -1.45 -9.72 -4.02
PG GTP C . -0.70 -10.97 -6.94
O1G GTP C . 0.28 -10.00 -7.60
O2G GTP C . -1.48 -11.70 -8.02
O3G GTP C . -1.59 -10.25 -5.95
O3B GTP C . 0.13 -12.13 -6.14
PB GTP C . 0.87 -12.00 -4.68
O1B GTP C . 2.35 -11.78 -4.86
O2B GTP C . 0.18 -11.02 -3.74
O3A GTP C . 0.72 -13.50 -4.16
PA GTP C . -0.05 -14.05 -2.82
O1A GTP C . 0.75 -13.66 -1.62
O2A GTP C . -1.52 -13.65 -2.77
O5' GTP C . 0.03 -15.68 -3.02
C5' GTP C . 1.26 -16.32 -2.92
C4' GTP C . 0.96 -17.87 -2.88
O4' GTP C . 0.15 -18.15 -1.58
C3' GTP C . 0.22 -18.20 -3.84
O3' GTP C . 0.67 -19.47 -4.40
C2' GTP C . -1.33 -18.38 -3.26
O2' GTP C . -1.95 -19.51 -3.95
C1' GTP C . -1.25 -18.65 -2.02
N9 GTP C . -2.21 -17.87 -1.14
C8 GTP C . -2.53 -16.55 -0.95
N7 GTP C . -3.46 -16.50 0.03
C5 GTP C . -3.68 -17.77 0.46
C6 GTP C . -4.61 -18.33 1.55
O6 GTP C . -5.29 -17.60 2.18
N1 GTP C . -4.65 -19.75 1.79
C2 GTP C . -3.82 -20.64 1.00
N2 GTP C . -3.86 -22.07 1.24
N3 GTP C . -2.94 -20.10 -0.03
C4 GTP C . -2.90 -18.62 -0.27
#